data_4UMS
#
_entry.id   4UMS
#
_cell.length_a   30.382
_cell.length_b   52.767
_cell.length_c   90.457
_cell.angle_alpha   90.00
_cell.angle_beta   90.00
_cell.angle_gamma   90.00
#
_symmetry.space_group_name_H-M   'P 21 21 21'
#
loop_
_entity.id
_entity.type
_entity.pdbx_description
1 polymer 'CELLULOSOMAL ANCHORING SCAFFOLDIN B'
2 water water
#
_entity_poly.entity_id   1
_entity_poly.type   'polypeptide(L)'
_entity_poly.pdbx_seq_one_letter_code
;MYWMNVVIGKMNAEVGGEVVVPIEFNNVPSFGINNCDFKLVYDATALELKNVEAGDIIKTPLANFSNNKSEEGKISFLFN
DASQGSMQIENGGVFAKITFKVKSTTATGVYDLRKDLVGSFSGLKDNKMTSIGAEFTNGSITVAATAPLEHHHHHH
;
_entity_poly.pdbx_strand_id   A
#
# COMPACT_ATOMS: atom_id res chain seq x y z
N MET A 1 20.29 -4.60 -10.06
CA MET A 1 19.31 -5.04 -9.02
C MET A 1 19.52 -3.94 -7.92
N TYR A 2 19.23 -4.07 -6.61
CA TYR A 2 19.09 -5.35 -5.91
CA TYR A 2 19.07 -5.34 -5.96
C TYR A 2 17.77 -5.41 -5.12
N TRP A 3 17.63 -4.62 -4.07
CA TRP A 3 16.44 -4.72 -3.17
C TRP A 3 15.88 -3.37 -2.78
N MET A 4 14.56 -3.30 -2.63
N MET A 4 14.56 -3.32 -2.63
CA MET A 4 13.90 -2.11 -2.10
CA MET A 4 13.85 -2.11 -2.15
C MET A 4 12.88 -2.53 -1.04
C MET A 4 12.85 -2.52 -1.07
N ASN A 5 12.34 -1.55 -0.31
CA ASN A 5 11.46 -1.84 0.78
C ASN A 5 10.05 -1.34 0.48
N VAL A 6 9.04 -2.20 0.59
CA VAL A 6 7.62 -1.78 0.66
C VAL A 6 7.13 -1.84 2.11
N VAL A 7 6.72 -0.69 2.64
CA VAL A 7 6.24 -0.59 4.02
C VAL A 7 4.75 -0.37 3.99
N ILE A 8 4.03 -1.35 4.56
CA ILE A 8 2.57 -1.24 4.75
C ILE A 8 2.38 -0.57 6.11
N GLY A 9 1.62 0.51 6.11
CA GLY A 9 1.46 1.39 7.28
C GLY A 9 0.80 0.71 8.47
N LYS A 10 1.11 1.22 9.67
CA LYS A 10 0.42 0.82 10.89
C LYS A 10 -0.37 2.02 11.37
N MET A 11 -1.67 1.87 11.49
CA MET A 11 -2.52 3.02 11.79
C MET A 11 -3.54 2.63 12.88
N ASN A 12 -4.08 3.64 13.53
CA ASN A 12 -5.09 3.47 14.55
C ASN A 12 -6.45 3.98 14.08
N ALA A 13 -7.49 3.33 14.58
CA ALA A 13 -8.87 3.58 14.22
C ALA A 13 -9.77 3.24 15.40
N GLU A 14 -11.00 3.70 15.29
CA GLU A 14 -11.99 3.41 16.29
C GLU A 14 -13.06 2.59 15.60
N VAL A 15 -13.82 1.84 16.39
CA VAL A 15 -14.97 1.10 15.92
C VAL A 15 -15.92 2.02 15.15
N GLY A 16 -16.23 1.66 13.90
CA GLY A 16 -17.13 2.50 13.12
C GLY A 16 -16.42 3.65 12.43
N GLY A 17 -15.11 3.88 12.70
CA GLY A 17 -14.44 5.03 12.13
C GLY A 17 -13.68 4.66 10.86
N GLU A 18 -13.08 5.65 10.23
CA GLU A 18 -12.33 5.40 8.99
C GLU A 18 -10.89 5.56 9.28
N VAL A 19 -10.07 5.10 8.35
CA VAL A 19 -8.66 5.01 8.58
C VAL A 19 -8.06 4.89 7.17
N VAL A 20 -6.99 5.64 6.95
CA VAL A 20 -6.22 5.64 5.71
C VAL A 20 -4.83 5.09 6.01
N VAL A 21 -4.49 4.02 5.30
CA VAL A 21 -3.22 3.33 5.45
C VAL A 21 -2.34 3.60 4.25
N PRO A 22 -1.15 4.17 4.46
CA PRO A 22 -0.26 4.38 3.32
C PRO A 22 0.51 3.15 3.01
N ILE A 23 0.81 2.94 1.72
N ILE A 23 0.79 2.94 1.72
CA ILE A 23 1.78 1.97 1.26
CA ILE A 23 1.83 2.03 1.31
C ILE A 23 3.02 2.73 0.76
C ILE A 23 3.01 2.81 0.81
N GLU A 24 4.15 2.59 1.44
CA GLU A 24 5.35 3.37 1.13
C GLU A 24 6.44 2.57 0.48
N PHE A 25 7.17 3.21 -0.45
CA PHE A 25 8.37 2.66 -1.01
C PHE A 25 9.60 3.40 -0.44
N ASN A 26 10.61 2.65 -0.01
CA ASN A 26 11.93 3.26 0.22
C ASN A 26 13.07 2.41 -0.28
N ASN A 27 14.26 3.04 -0.30
CA ASN A 27 15.43 2.43 -0.88
C ASN A 27 15.12 1.99 -2.30
N VAL A 28 14.49 2.90 -3.03
CA VAL A 28 14.18 2.69 -4.45
C VAL A 28 15.54 2.71 -5.20
N PRO A 29 15.82 1.74 -6.09
CA PRO A 29 17.15 1.76 -6.70
C PRO A 29 17.37 3.01 -7.53
N SER A 30 18.62 3.45 -7.67
CA SER A 30 18.90 4.70 -8.37
C SER A 30 18.38 4.70 -9.82
N PHE A 31 18.31 3.54 -10.48
CA PHE A 31 17.73 3.47 -11.84
C PHE A 31 16.19 3.49 -11.93
N GLY A 32 15.51 3.50 -10.79
CA GLY A 32 14.06 3.60 -10.76
C GLY A 32 13.32 2.30 -10.93
N ILE A 33 12.00 2.45 -10.96
CA ILE A 33 11.08 1.32 -11.11
C ILE A 33 10.25 1.55 -12.36
N ASN A 34 10.23 0.55 -13.24
CA ASN A 34 9.44 0.63 -14.43
C ASN A 34 8.08 -0.07 -14.29
N ASN A 35 8.04 -1.08 -13.42
CA ASN A 35 6.83 -1.75 -13.12
C ASN A 35 6.89 -2.61 -11.86
N CYS A 36 5.72 -2.77 -11.26
CA CYS A 36 5.59 -3.59 -10.07
C CYS A 36 4.12 -4.03 -9.91
N ASP A 37 3.92 -5.28 -9.48
CA ASP A 37 2.63 -5.78 -9.10
C ASP A 37 2.79 -6.67 -7.86
N PHE A 38 1.78 -6.52 -7.01
CA PHE A 38 1.72 -7.25 -5.77
C PHE A 38 0.32 -7.16 -5.24
N LYS A 39 0.00 -8.09 -4.36
CA LYS A 39 -1.26 -8.16 -3.67
C LYS A 39 -1.04 -8.03 -2.15
N LEU A 40 -1.97 -7.35 -1.52
CA LEU A 40 -2.13 -7.34 -0.05
C LEU A 40 -3.38 -7.98 0.44
N VAL A 41 -3.32 -8.41 1.70
CA VAL A 41 -4.45 -9.04 2.36
C VAL A 41 -4.82 -8.25 3.61
N TYR A 42 -6.12 -8.15 3.83
CA TYR A 42 -6.75 -7.45 4.95
C TYR A 42 -7.91 -8.36 5.48
N ASP A 43 -8.34 -8.06 6.70
CA ASP A 43 -9.41 -8.79 7.35
C ASP A 43 -10.73 -8.16 6.94
N ALA A 44 -11.34 -8.73 5.91
CA ALA A 44 -12.67 -8.26 5.46
C ALA A 44 -13.83 -8.48 6.43
N THR A 45 -13.72 -9.41 7.39
CA THR A 45 -14.73 -9.56 8.46
C THR A 45 -14.73 -8.33 9.35
N ALA A 46 -13.56 -7.75 9.55
CA ALA A 46 -13.36 -6.63 10.44
C ALA A 46 -13.40 -5.28 9.75
N LEU A 47 -12.98 -5.21 8.47
CA LEU A 47 -12.79 -3.91 7.79
C LEU A 47 -13.50 -3.87 6.45
N GLU A 48 -14.11 -2.71 6.14
CA GLU A 48 -14.76 -2.49 4.89
C GLU A 48 -13.85 -1.61 4.06
N LEU A 49 -13.38 -2.15 2.95
CA LEU A 49 -12.57 -1.36 2.06
C LEU A 49 -13.44 -0.33 1.38
N LYS A 50 -13.03 0.93 1.42
CA LYS A 50 -13.73 2.02 0.71
C LYS A 50 -13.07 2.40 -0.61
N ASN A 51 -11.77 2.67 -0.57
CA ASN A 51 -11.09 3.04 -1.78
C ASN A 51 -9.58 2.97 -1.69
N VAL A 52 -9.00 3.07 -2.88
CA VAL A 52 -7.56 3.02 -3.11
C VAL A 52 -7.17 4.19 -4.00
N GLU A 53 -6.18 4.98 -3.57
CA GLU A 53 -5.72 6.11 -4.37
C GLU A 53 -4.23 5.96 -4.62
N ALA A 54 -3.81 6.34 -5.83
CA ALA A 54 -2.39 6.38 -6.15
C ALA A 54 -1.65 7.39 -5.28
N GLY A 55 -0.43 7.08 -4.90
CA GLY A 55 0.41 8.02 -4.19
C GLY A 55 1.13 9.01 -5.10
N ASP A 56 1.70 10.04 -4.47
CA ASP A 56 2.38 11.10 -5.24
C ASP A 56 3.79 10.72 -5.79
N ILE A 57 4.35 9.54 -5.45
CA ILE A 57 5.53 9.08 -6.23
C ILE A 57 5.20 8.57 -7.66
N ILE A 58 3.91 8.40 -7.96
CA ILE A 58 3.49 7.85 -9.25
C ILE A 58 3.15 9.04 -10.10
N LYS A 59 3.87 9.18 -11.23
CA LYS A 59 3.58 10.25 -12.18
C LYS A 59 2.56 9.69 -13.17
N THR A 60 1.57 10.52 -13.51
CA THR A 60 0.50 10.12 -14.45
C THR A 60 -0.19 8.81 -14.07
N PRO A 61 -0.76 8.76 -12.86
CA PRO A 61 -1.37 7.52 -12.35
C PRO A 61 -2.56 6.97 -13.18
N LEU A 62 -3.30 7.82 -13.86
CA LEU A 62 -4.41 7.31 -14.69
C LEU A 62 -3.86 6.40 -15.79
N ALA A 63 -2.68 6.71 -16.30
CA ALA A 63 -2.13 5.89 -17.37
C ALA A 63 -1.33 4.74 -16.83
N ASN A 64 -0.71 4.89 -15.65
CA ASN A 64 0.31 3.98 -15.16
C ASN A 64 -0.03 3.14 -13.93
N PHE A 65 -1.07 3.51 -13.21
CA PHE A 65 -1.43 2.81 -11.95
C PHE A 65 -2.83 2.26 -12.05
N SER A 66 -3.02 1.05 -11.50
CA SER A 66 -4.35 0.49 -11.25
C SER A 66 -4.37 -0.41 -10.03
N ASN A 67 -5.58 -0.64 -9.55
CA ASN A 67 -5.82 -1.58 -8.47
C ASN A 67 -7.10 -2.34 -8.73
N ASN A 68 -7.22 -3.49 -8.09
CA ASN A 68 -8.29 -4.40 -8.27
C ASN A 68 -8.69 -4.88 -6.91
N LYS A 69 -9.85 -4.42 -6.51
CA LYS A 69 -10.41 -4.70 -5.20
C LYS A 69 -11.49 -5.79 -5.24
N SER A 70 -11.65 -6.47 -6.38
CA SER A 70 -12.77 -7.42 -6.55
C SER A 70 -12.65 -8.73 -5.78
N GLU A 71 -11.48 -9.11 -5.31
CA GLU A 71 -11.42 -10.28 -4.45
C GLU A 71 -11.51 -9.83 -3.03
N GLU A 72 -12.66 -10.05 -2.41
N GLU A 72 -12.65 -10.05 -2.41
CA GLU A 72 -12.85 -9.56 -1.06
CA GLU A 72 -12.94 -9.51 -1.09
C GLU A 72 -11.71 -10.05 -0.16
C GLU A 72 -11.98 -10.05 0.01
N GLY A 73 -11.22 -9.16 0.66
CA GLY A 73 -10.09 -9.51 1.55
C GLY A 73 -8.69 -9.26 0.94
N LYS A 74 -8.60 -8.97 -0.35
CA LYS A 74 -7.31 -8.83 -1.06
C LYS A 74 -7.38 -7.54 -1.87
N ILE A 75 -6.23 -6.91 -2.09
CA ILE A 75 -6.15 -5.81 -3.02
C ILE A 75 -4.93 -6.03 -3.89
N SER A 76 -5.11 -5.93 -5.19
N SER A 76 -5.12 -6.03 -5.21
CA SER A 76 -4.06 -6.10 -6.16
CA SER A 76 -4.03 -6.10 -6.19
C SER A 76 -3.64 -4.73 -6.70
C SER A 76 -3.64 -4.68 -6.61
N PHE A 77 -2.34 -4.43 -6.66
CA PHE A 77 -1.77 -3.19 -7.14
C PHE A 77 -0.96 -3.44 -8.44
N LEU A 78 -1.07 -2.52 -9.38
CA LEU A 78 -0.29 -2.60 -10.60
C LEU A 78 0.26 -1.26 -11.03
N PHE A 79 1.59 -1.18 -11.18
CA PHE A 79 2.21 0.03 -11.72
C PHE A 79 2.98 -0.43 -12.96
N ASN A 80 2.85 0.34 -14.03
CA ASN A 80 3.64 0.06 -15.24
C ASN A 80 3.74 1.39 -15.96
N ASP A 81 4.95 1.82 -16.26
CA ASP A 81 5.16 3.10 -16.96
C ASP A 81 4.87 2.90 -18.44
N ALA A 82 3.68 3.33 -18.85
CA ALA A 82 3.27 3.27 -20.25
C ALA A 82 4.35 3.77 -21.21
N SER A 83 4.89 4.96 -20.92
CA SER A 83 5.84 5.66 -21.80
C SER A 83 7.17 4.92 -21.92
N GLN A 84 7.43 3.99 -20.99
CA GLN A 84 8.55 3.03 -21.11
C GLN A 84 9.85 3.72 -20.80
N GLY A 85 9.79 4.72 -19.95
CA GLY A 85 10.99 5.49 -19.64
C GLY A 85 10.73 6.86 -19.08
N SER A 86 9.72 7.49 -19.49
CA SER A 86 9.46 8.89 -19.13
C SER A 86 8.87 9.10 -17.72
N MET A 87 8.28 8.03 -17.16
CA MET A 87 7.53 8.11 -15.91
C MET A 87 7.76 6.92 -14.95
N GLN A 88 9.04 6.61 -14.77
CA GLN A 88 9.48 5.64 -13.77
C GLN A 88 9.18 6.22 -12.41
N ILE A 89 9.01 5.35 -11.43
CA ILE A 89 9.09 5.76 -10.06
C ILE A 89 10.60 5.92 -9.76
N GLU A 90 10.97 7.14 -9.33
CA GLU A 90 12.37 7.57 -9.22
C GLU A 90 12.82 7.85 -7.80
N ASN A 91 11.89 8.03 -6.88
CA ASN A 91 12.29 8.00 -5.49
CA ASN A 91 12.19 8.22 -5.46
C ASN A 91 11.19 7.50 -4.59
N GLY A 92 11.56 7.29 -3.34
CA GLY A 92 10.66 6.72 -2.38
C GLY A 92 9.62 7.74 -1.96
N GLY A 93 8.64 7.27 -1.19
CA GLY A 93 7.57 8.09 -0.76
C GLY A 93 6.31 7.23 -0.79
N VAL A 94 5.16 7.86 -0.91
CA VAL A 94 3.88 7.12 -0.85
C VAL A 94 3.49 6.58 -2.22
N PHE A 95 3.40 5.24 -2.32
CA PHE A 95 2.98 4.55 -3.52
C PHE A 95 1.43 4.51 -3.69
N ALA A 96 0.69 4.30 -2.58
CA ALA A 96 -0.77 4.28 -2.58
C ALA A 96 -1.28 4.52 -1.18
N LYS A 97 -2.54 4.93 -1.11
CA LYS A 97 -3.28 5.19 0.15
C LYS A 97 -4.57 4.35 0.14
N ILE A 98 -4.76 3.50 1.14
CA ILE A 98 -5.96 2.67 1.22
C ILE A 98 -6.88 3.21 2.36
N THR A 99 -8.15 3.45 2.04
CA THR A 99 -9.12 3.85 3.00
C THR A 99 -10.02 2.72 3.39
N PHE A 100 -10.09 2.45 4.69
CA PHE A 100 -10.99 1.44 5.22
C PHE A 100 -11.94 2.10 6.23
N LYS A 101 -13.06 1.47 6.45
CA LYS A 101 -13.98 1.77 7.56
C LYS A 101 -13.98 0.59 8.50
N VAL A 102 -13.76 0.83 9.79
CA VAL A 102 -13.82 -0.25 10.76
C VAL A 102 -15.28 -0.54 10.98
N LYS A 103 -15.69 -1.77 10.72
CA LYS A 103 -17.11 -2.09 10.83
C LYS A 103 -17.61 -1.94 12.25
N SER A 104 -18.88 -1.63 12.37
CA SER A 104 -19.44 -1.30 13.69
C SER A 104 -19.42 -2.47 14.67
N THR A 105 -19.34 -3.69 14.10
CA THR A 105 -19.30 -4.94 14.82
C THR A 105 -17.88 -5.47 15.24
N THR A 106 -16.83 -4.72 14.88
CA THR A 106 -15.46 -5.20 15.05
C THR A 106 -14.99 -5.04 16.50
N ALA A 107 -14.38 -6.09 17.05
CA ALA A 107 -13.77 -5.99 18.39
C ALA A 107 -12.53 -5.10 18.40
N THR A 108 -12.28 -4.46 19.55
CA THR A 108 -10.95 -3.81 19.77
C THR A 108 -9.89 -4.90 19.58
N GLY A 109 -8.75 -4.51 19.03
CA GLY A 109 -7.63 -5.42 18.83
C GLY A 109 -6.87 -4.99 17.59
N VAL A 110 -6.03 -5.86 17.05
CA VAL A 110 -5.06 -5.52 16.00
C VAL A 110 -5.40 -6.39 14.80
N TYR A 111 -5.54 -5.75 13.60
CA TYR A 111 -5.92 -6.43 12.36
C TYR A 111 -4.80 -6.18 11.31
N ASP A 112 -4.05 -7.23 10.99
CA ASP A 112 -2.82 -7.13 10.25
C ASP A 112 -3.15 -6.82 8.80
N LEU A 113 -2.22 -6.13 8.12
CA LEU A 113 -2.33 -5.96 6.69
C LEU A 113 -1.00 -6.42 6.09
N ARG A 114 -1.05 -7.47 5.29
CA ARG A 114 0.17 -8.19 4.90
C ARG A 114 0.40 -8.31 3.43
N LYS A 115 1.66 -8.40 3.05
CA LYS A 115 2.01 -8.92 1.76
C LYS A 115 1.36 -10.28 1.46
N ASP A 116 0.72 -10.38 0.30
CA ASP A 116 0.21 -11.67 -0.18
C ASP A 116 1.12 -11.94 -1.43
N LEU A 117 0.56 -12.23 -2.55
CA LEU A 117 1.38 -12.63 -3.69
C LEU A 117 2.21 -11.45 -4.25
N VAL A 118 3.50 -11.66 -4.50
CA VAL A 118 4.35 -10.63 -5.10
C VAL A 118 4.64 -11.09 -6.51
N GLY A 119 4.45 -10.17 -7.43
CA GLY A 119 4.75 -10.41 -8.84
C GLY A 119 6.10 -9.78 -9.11
N SER A 120 6.25 -9.24 -10.29
CA SER A 120 7.52 -8.75 -10.75
C SER A 120 7.72 -7.31 -10.24
N PHE A 121 8.90 -6.97 -9.70
CA PHE A 121 9.37 -5.54 -9.60
C PHE A 121 10.60 -5.42 -10.50
N SER A 122 10.64 -4.37 -11.31
CA SER A 122 11.65 -4.18 -12.33
C SER A 122 11.90 -2.72 -12.62
N GLY A 123 13.11 -2.44 -13.10
CA GLY A 123 13.46 -1.10 -13.55
C GLY A 123 14.39 -1.18 -14.78
N LEU A 124 14.60 -0.04 -15.43
CA LEU A 124 15.51 0.06 -16.60
C LEU A 124 16.83 0.68 -16.15
N LYS A 125 17.89 -0.11 -16.05
CA LYS A 125 19.15 0.39 -15.50
CA LYS A 125 19.18 0.36 -15.50
C LYS A 125 19.87 1.36 -16.47
N ASP A 126 20.08 0.90 -17.70
CA ASP A 126 20.61 1.73 -18.81
C ASP A 126 19.86 1.26 -20.05
N ASN A 127 18.54 1.22 -19.88
CA ASN A 127 17.60 0.59 -20.81
C ASN A 127 17.68 -0.94 -20.88
N LYS A 128 18.28 -1.58 -19.87
CA LYS A 128 18.16 -3.03 -19.65
C LYS A 128 17.21 -3.31 -18.46
N MET A 129 16.13 -4.05 -18.73
CA MET A 129 15.15 -4.52 -17.72
C MET A 129 15.85 -5.21 -16.57
N THR A 130 15.78 -4.64 -15.38
CA THR A 130 16.52 -5.17 -14.22
C THR A 130 15.54 -5.54 -13.10
N SER A 131 15.60 -6.78 -12.61
CA SER A 131 14.74 -7.22 -11.53
C SER A 131 15.15 -6.62 -10.17
N ILE A 132 14.16 -6.37 -9.33
CA ILE A 132 14.39 -5.76 -8.04
C ILE A 132 13.63 -6.64 -7.01
N GLY A 133 14.29 -6.98 -5.90
CA GLY A 133 13.62 -7.68 -4.82
C GLY A 133 12.84 -6.66 -4.02
N ALA A 134 11.59 -7.01 -3.73
CA ALA A 134 10.77 -6.21 -2.87
C ALA A 134 10.70 -6.85 -1.45
N GLU A 135 11.29 -6.12 -0.53
CA GLU A 135 11.32 -6.47 0.90
C GLU A 135 10.05 -5.86 1.53
N PHE A 136 9.11 -6.67 1.98
CA PHE A 136 7.92 -6.11 2.60
C PHE A 136 8.00 -6.03 4.11
N THR A 137 7.49 -4.91 4.63
CA THR A 137 7.24 -4.72 6.05
C THR A 137 5.72 -4.59 6.23
N ASN A 138 5.13 -5.60 6.84
CA ASN A 138 3.68 -5.66 7.07
C ASN A 138 3.26 -4.63 8.10
N GLY A 139 1.99 -4.29 8.00
CA GLY A 139 1.33 -3.21 8.71
C GLY A 139 0.09 -3.74 9.43
N SER A 140 -0.82 -2.85 9.72
CA SER A 140 -1.92 -3.17 10.61
C SER A 140 -2.80 -1.96 10.81
N ILE A 141 -4.04 -2.29 11.21
CA ILE A 141 -5.01 -1.31 11.79
C ILE A 141 -5.25 -1.77 13.24
N THR A 142 -4.98 -0.87 14.18
CA THR A 142 -5.26 -1.16 15.57
C THR A 142 -6.57 -0.45 15.90
N VAL A 143 -7.54 -1.24 16.31
CA VAL A 143 -8.83 -0.74 16.67
C VAL A 143 -8.90 -0.59 18.20
N ALA A 144 -9.12 0.64 18.63
CA ALA A 144 -9.07 0.98 20.07
C ALA A 144 -10.40 1.55 20.49
N ALA A 145 -10.74 1.41 21.78
CA ALA A 145 -11.96 2.01 22.33
C ALA A 145 -11.74 3.52 22.39
N THR A 146 -12.77 4.26 22.02
CA THR A 146 -12.88 5.74 22.12
C THR A 146 -13.08 6.22 23.58
N ALA A 147 -12.20 7.08 24.12
CA ALA A 147 -12.49 7.73 25.40
C ALA A 147 -13.83 8.47 25.30
N PRO A 148 -14.62 8.51 26.37
CA PRO A 148 -15.85 9.23 26.10
C PRO A 148 -15.53 10.72 26.00
N LEU A 149 -16.36 11.50 25.29
CA LEU A 149 -16.11 12.93 25.12
C LEU A 149 -16.48 13.69 26.40
N GLU A 150 -17.52 13.20 27.06
CA GLU A 150 -18.01 13.80 28.31
C GLU A 150 -17.22 13.23 29.49
N HIS A 151 -16.77 14.11 30.37
CA HIS A 151 -16.18 13.69 31.66
C HIS A 151 -16.44 14.68 32.80
N HIS A 152 -16.27 14.15 34.01
CA HIS A 152 -16.62 14.90 35.22
C HIS A 152 -15.53 14.80 36.26
N HIS A 153 -15.13 15.94 36.83
CA HIS A 153 -14.17 15.98 37.96
C HIS A 153 -14.87 15.52 39.26
N HIS A 154 -14.96 14.20 39.48
CA HIS A 154 -15.49 13.63 40.71
C HIS A 154 -14.49 12.63 41.30
#